data_8QGG
#
_entry.id   8QGG
#
_cell.length_a   62.898
_cell.length_b   74.279
_cell.length_c   118.386
_cell.angle_alpha   90.000
_cell.angle_beta   90.000
_cell.angle_gamma   90.000
#
_symmetry.space_group_name_H-M   'I 2 2 2'
#
loop_
_entity.id
_entity.type
_entity.pdbx_description
1 polymer 'NAD kinase 1'
2 non-polymer 'CITRIC ACID'
3 non-polymer GLYCEROL
4 non-polymer (2~{R},3~{R},4~{S},5~{R})-2-(6-aminopurin-9-yl)-5-[[3-[6-azanyl-9-[(2~{R},3~{R},4~{S},5~{R})-5-(hydroxymethyl)-3,4-bis(oxidanyl)oxolan-2-yl]purin-8-yl]prop-2-ynyl-(3-oxidanylpropyl)amino]methyl]oxolane-3,4-diol
5 water water
#
_entity_poly.entity_id   1
_entity_poly.type   'polypeptide(L)'
_entity_poly.pdbx_seq_one_letter_code
;MKYMITSKGDEKSDLLRLNMIAGFGEYDMEYDDVEPEIVISIGGDGTFLSAFHQYEERLDEIAFIGIHTGHLGFYADWRP
AEADKLVKLLAKGEYQKVSYPLLKTTVKYGIGKKEATYLALNESTVKSSGGPFVVDVVINDIHFERFRGDGLCMSTPSGT
TAYNKSLGGALMHPSIEAMQLTEMASINNRVYRTIGSPLVFPKHHVVSLQPVNDKDFQISVDHLSILHRDVQEIRYEVSA
KKIHFARFRSFPFWRRVHDSFIEDLEHHHHHH
;
_entity_poly.pdbx_strand_id   A
#
# COMPACT_ATOMS: atom_id res chain seq x y z
N MET A 1 21.67 -0.23 -15.35
CA MET A 1 21.96 -0.17 -13.93
C MET A 1 21.68 -1.50 -13.25
N LYS A 2 21.86 -1.55 -11.93
CA LYS A 2 21.47 -2.73 -11.18
C LYS A 2 19.94 -2.85 -11.19
N TYR A 3 19.45 -4.06 -11.44
CA TYR A 3 18.02 -4.31 -11.47
C TYR A 3 17.75 -5.71 -10.91
N MET A 4 16.50 -5.96 -10.54
CA MET A 4 16.09 -7.31 -10.24
C MET A 4 14.64 -7.50 -10.65
N ILE A 5 14.23 -8.76 -10.78
CA ILE A 5 12.87 -9.09 -11.18
C ILE A 5 12.29 -10.11 -10.21
N THR A 6 11.17 -9.76 -9.57
CA THR A 6 10.41 -10.71 -8.79
C THR A 6 9.31 -11.32 -9.64
N SER A 7 8.99 -12.57 -9.35
CA SER A 7 7.97 -13.28 -10.10
C SER A 7 6.90 -13.83 -9.16
N LYS A 8 5.65 -13.79 -9.63
CA LYS A 8 4.57 -14.51 -8.97
C LYS A 8 4.92 -15.98 -8.77
N GLY A 9 5.69 -16.56 -9.66
CA GLY A 9 6.14 -17.93 -9.50
C GLY A 9 5.34 -18.97 -10.25
N ASP A 10 4.36 -18.57 -11.05
CA ASP A 10 3.76 -19.52 -11.97
C ASP A 10 4.59 -19.54 -13.26
N GLU A 11 4.27 -20.51 -14.14
CA GLU A 11 5.09 -20.71 -15.33
C GLU A 11 5.16 -19.46 -16.18
N LYS A 12 4.02 -18.80 -16.41
CA LYS A 12 3.99 -17.63 -17.27
C LYS A 12 4.90 -16.52 -16.73
N SER A 13 4.80 -16.22 -15.43
CA SER A 13 5.62 -15.15 -14.87
C SER A 13 7.09 -15.55 -14.81
N ASP A 14 7.38 -16.80 -14.44
CA ASP A 14 8.77 -17.23 -14.38
C ASP A 14 9.45 -17.16 -15.75
N LEU A 15 8.74 -17.57 -16.80
CA LEU A 15 9.32 -17.55 -18.14
C LEU A 15 9.51 -16.12 -18.63
N LEU A 16 8.54 -15.23 -18.37
CA LEU A 16 8.71 -13.85 -18.77
C LEU A 16 9.90 -13.22 -18.06
N ARG A 17 10.08 -13.57 -16.79
CA ARG A 17 11.24 -13.08 -16.03
C ARG A 17 12.55 -13.53 -16.68
N LEU A 18 12.63 -14.81 -17.05
CA LEU A 18 13.87 -15.30 -17.67
C LEU A 18 14.12 -14.63 -19.01
N ASN A 19 13.06 -14.41 -19.80
CA ASN A 19 13.23 -13.73 -21.08
C ASN A 19 13.65 -12.28 -20.91
N MET A 20 13.14 -11.61 -19.87
CA MET A 20 13.56 -10.22 -19.64
C MET A 20 15.01 -10.16 -19.17
N ILE A 21 15.43 -11.13 -18.35
CA ILE A 21 16.82 -11.17 -17.93
C ILE A 21 17.72 -11.37 -19.14
N ALA A 22 17.31 -12.25 -20.05
CA ALA A 22 18.07 -12.43 -21.28
C ALA A 22 18.18 -11.12 -22.06
N GLY A 23 17.07 -10.39 -22.17
CA GLY A 23 17.08 -9.13 -22.90
C GLY A 23 17.93 -8.08 -22.23
N PHE A 24 17.90 -8.03 -20.90
CA PHE A 24 18.74 -7.08 -20.18
C PHE A 24 20.22 -7.39 -20.37
N GLY A 25 20.57 -8.66 -20.57
CA GLY A 25 21.94 -9.04 -20.78
C GLY A 25 22.58 -8.47 -22.03
N GLU A 26 21.79 -7.85 -22.91
CA GLU A 26 22.33 -7.20 -24.09
C GLU A 26 22.62 -5.72 -23.87
N TYR A 27 22.45 -5.23 -22.65
CA TYR A 27 22.72 -3.83 -22.31
C TYR A 27 23.63 -3.77 -21.09
N ASP A 28 24.08 -2.56 -20.76
CA ASP A 28 24.82 -2.35 -19.52
C ASP A 28 23.86 -2.41 -18.35
N MET A 29 23.37 -3.60 -18.05
CA MET A 29 22.44 -3.83 -16.96
C MET A 29 22.89 -5.05 -16.19
N GLU A 30 23.02 -4.91 -14.88
CA GLU A 30 23.51 -5.96 -14.01
C GLU A 30 22.40 -6.45 -13.10
N TYR A 31 22.14 -7.75 -13.11
CA TYR A 31 21.17 -8.29 -12.16
C TYR A 31 21.75 -8.23 -10.76
N ASP A 32 21.03 -7.60 -9.83
CA ASP A 32 21.47 -7.46 -8.44
C ASP A 32 20.23 -7.30 -7.59
N ASP A 33 19.89 -8.32 -6.81
CA ASP A 33 18.74 -8.25 -5.94
C ASP A 33 19.08 -7.80 -4.52
N VAL A 34 20.32 -7.42 -4.26
CA VAL A 34 20.69 -6.83 -2.97
C VAL A 34 20.54 -5.32 -2.99
N GLU A 35 21.13 -4.66 -3.98
CA GLU A 35 21.01 -3.21 -4.13
C GLU A 35 20.58 -2.86 -5.55
N PRO A 36 19.40 -3.30 -5.98
CA PRO A 36 18.90 -2.88 -7.29
C PRO A 36 18.52 -1.40 -7.26
N GLU A 37 18.59 -0.78 -8.43
CA GLU A 37 17.98 0.53 -8.62
C GLU A 37 16.63 0.44 -9.32
N ILE A 38 16.38 -0.67 -10.00
CA ILE A 38 15.11 -0.94 -10.66
C ILE A 38 14.58 -2.27 -10.14
N VAL A 39 13.32 -2.29 -9.70
CA VAL A 39 12.66 -3.51 -9.28
C VAL A 39 11.45 -3.72 -10.18
N ILE A 40 11.47 -4.82 -10.93
CA ILE A 40 10.38 -5.20 -11.81
C ILE A 40 9.62 -6.34 -11.17
N SER A 41 8.31 -6.18 -11.01
CA SER A 41 7.44 -7.17 -10.43
C SER A 41 6.57 -7.76 -11.52
N ILE A 42 6.60 -9.09 -11.67
CA ILE A 42 5.83 -9.77 -12.71
C ILE A 42 4.80 -10.65 -12.02
N GLY A 43 3.54 -10.26 -12.13
CA GLY A 43 2.46 -11.02 -11.53
C GLY A 43 1.20 -10.19 -11.42
N GLY A 44 0.77 -9.92 -10.19
CA GLY A 44 -0.36 -9.06 -9.97
C GLY A 44 -0.02 -8.07 -8.88
N ASP A 45 -1.03 -7.43 -8.30
CA ASP A 45 -0.77 -6.43 -7.28
C ASP A 45 -0.21 -7.07 -6.01
N GLY A 46 -0.56 -8.32 -5.73
CA GLY A 46 0.03 -9.00 -4.59
C GLY A 46 1.54 -9.15 -4.73
N THR A 47 1.98 -9.63 -5.91
CA THR A 47 3.40 -9.68 -6.21
C THR A 47 4.06 -8.32 -6.07
N PHE A 48 3.38 -7.27 -6.54
CA PHE A 48 3.97 -5.93 -6.45
C PHE A 48 4.06 -5.48 -5.00
N LEU A 49 3.00 -5.70 -4.20
CA LEU A 49 3.09 -5.38 -2.78
C LEU A 49 4.26 -6.09 -2.14
N SER A 50 4.51 -7.34 -2.52
CA SER A 50 5.62 -8.06 -1.91
C SER A 50 6.96 -7.48 -2.34
N ALA A 51 7.07 -7.05 -3.61
CA ALA A 51 8.29 -6.40 -4.04
C ALA A 51 8.55 -5.13 -3.23
N PHE A 52 7.51 -4.33 -3.03
CA PHE A 52 7.64 -3.12 -2.24
C PHE A 52 8.17 -3.41 -0.84
N HIS A 53 7.62 -4.42 -0.20
CA HIS A 53 8.05 -4.73 1.16
C HIS A 53 9.42 -5.41 1.19
N GLN A 54 9.77 -6.15 0.13
CA GLN A 54 11.12 -6.72 0.07
C GLN A 54 12.18 -5.62 0.09
N TYR A 55 11.87 -4.44 -0.45
CA TYR A 55 12.86 -3.37 -0.61
C TYR A 55 12.42 -2.08 0.08
N GLU A 56 11.64 -2.19 1.16
CA GLU A 56 11.11 -0.99 1.80
C GLU A 56 12.20 -0.15 2.45
N GLU A 57 13.36 -0.74 2.75
CA GLU A 57 14.44 0.04 3.36
C GLU A 57 15.26 0.84 2.35
N ARG A 58 15.08 0.61 1.05
CA ARG A 58 15.82 1.35 0.03
C ARG A 58 14.86 2.00 -0.96
N LEU A 59 13.74 2.53 -0.47
CA LEU A 59 12.72 3.07 -1.35
C LEU A 59 13.20 4.30 -2.11
N ASP A 60 14.09 5.09 -1.52
CA ASP A 60 14.50 6.29 -2.25
C ASP A 60 15.56 6.01 -3.30
N GLU A 61 16.10 4.80 -3.34
CA GLU A 61 17.09 4.43 -4.35
C GLU A 61 16.49 3.56 -5.45
N ILE A 62 15.19 3.31 -5.45
CA ILE A 62 14.57 2.31 -6.31
C ILE A 62 13.41 2.91 -7.07
N ALA A 63 13.31 2.58 -8.35
CA ALA A 63 12.12 2.82 -9.15
C ALA A 63 11.46 1.48 -9.47
N PHE A 64 10.17 1.37 -9.15
CA PHE A 64 9.42 0.13 -9.32
C PHE A 64 8.67 0.12 -10.64
N ILE A 65 8.54 -1.08 -11.22
CA ILE A 65 7.72 -1.31 -12.41
C ILE A 65 6.97 -2.61 -12.22
N GLY A 66 5.69 -2.62 -12.58
CA GLY A 66 4.90 -3.82 -12.49
C GLY A 66 4.34 -4.27 -13.82
N ILE A 67 4.48 -5.56 -14.10
CA ILE A 67 3.90 -6.19 -15.27
C ILE A 67 2.82 -7.14 -14.77
N HIS A 68 1.63 -7.07 -15.37
CA HIS A 68 0.55 -7.94 -14.96
C HIS A 68 0.44 -9.09 -15.95
N THR A 69 0.71 -10.29 -15.47
CA THR A 69 0.53 -11.47 -16.33
C THR A 69 -0.89 -11.98 -16.28
N GLY A 70 -1.71 -11.49 -15.36
CA GLY A 70 -3.14 -11.67 -15.39
C GLY A 70 -3.84 -10.39 -15.81
N HIS A 71 -4.92 -10.07 -15.12
CA HIS A 71 -5.68 -8.86 -15.39
C HIS A 71 -4.88 -7.61 -15.01
N LEU A 72 -5.32 -6.47 -15.55
CA LEU A 72 -4.67 -5.20 -15.26
C LEU A 72 -4.61 -4.96 -13.75
N GLY A 73 -3.47 -4.45 -13.29
CA GLY A 73 -3.28 -4.12 -11.90
C GLY A 73 -3.20 -2.61 -11.72
N PHE A 74 -3.40 -2.14 -10.49
CA PHE A 74 -3.19 -0.72 -10.26
C PHE A 74 -1.73 -0.38 -10.10
N TYR A 75 -0.93 -1.36 -9.69
CA TYR A 75 0.50 -1.20 -9.63
C TYR A 75 1.18 -1.91 -10.78
N ALA A 76 0.69 -3.10 -11.09
CA ALA A 76 1.21 -3.89 -12.20
C ALA A 76 0.42 -3.48 -13.42
N ASP A 77 0.78 -2.32 -13.97
CA ASP A 77 -0.02 -1.72 -15.04
C ASP A 77 0.64 -1.80 -16.42
N TRP A 78 1.58 -2.73 -16.64
CA TRP A 78 2.17 -3.01 -17.95
C TRP A 78 1.79 -4.40 -18.44
N ARG A 79 1.58 -4.55 -19.81
CA ARG A 79 1.24 -5.88 -20.34
C ARG A 79 2.49 -6.68 -20.69
N PRO A 80 2.43 -8.01 -20.61
CA PRO A 80 3.60 -8.84 -20.95
C PRO A 80 4.06 -8.70 -22.39
N ALA A 81 3.16 -8.35 -23.31
CA ALA A 81 3.57 -8.20 -24.71
C ALA A 81 4.51 -7.04 -24.90
N GLU A 82 4.62 -6.14 -23.92
CA GLU A 82 5.46 -4.96 -23.99
C GLU A 82 6.75 -5.12 -23.20
N ALA A 83 7.04 -6.34 -22.73
CA ALA A 83 8.24 -6.57 -21.94
C ALA A 83 9.50 -6.23 -22.71
N ASP A 84 9.54 -6.58 -24.00
CA ASP A 84 10.72 -6.26 -24.81
C ASP A 84 10.89 -4.75 -24.96
N LYS A 85 9.78 -4.03 -25.20
CA LYS A 85 9.85 -2.58 -25.23
C LYS A 85 10.24 -2.02 -23.87
N LEU A 86 9.83 -2.70 -22.80
CA LEU A 86 10.17 -2.26 -21.46
C LEU A 86 11.67 -2.39 -21.19
N VAL A 87 12.24 -3.57 -21.49
CA VAL A 87 13.68 -3.76 -21.37
C VAL A 87 14.44 -2.66 -22.10
N LYS A 88 14.01 -2.38 -23.33
CA LYS A 88 14.69 -1.39 -24.17
C LYS A 88 14.71 -0.02 -23.51
N LEU A 89 13.52 0.51 -23.18
CA LEU A 89 13.45 1.85 -22.62
C LEU A 89 14.06 1.91 -21.23
N LEU A 90 14.01 0.80 -20.49
CA LEU A 90 14.56 0.76 -19.13
C LEU A 90 16.08 0.73 -19.15
N ALA A 91 16.67 0.02 -20.12
CA ALA A 91 18.12 -0.06 -20.23
C ALA A 91 18.72 1.31 -20.52
N LYS A 92 18.22 1.98 -21.56
CA LYS A 92 18.61 3.36 -21.82
C LYS A 92 18.47 4.21 -20.57
N GLY A 93 17.30 4.14 -19.93
CA GLY A 93 17.07 4.88 -18.71
C GLY A 93 16.53 6.27 -18.97
N GLU A 94 16.88 7.21 -18.10
CA GLU A 94 16.51 8.62 -18.21
C GLU A 94 15.00 8.83 -18.28
N TYR A 95 14.23 7.79 -17.97
CA TYR A 95 12.78 7.86 -17.82
C TYR A 95 12.43 8.83 -16.69
N GLN A 96 11.17 9.25 -16.68
CA GLN A 96 10.69 10.05 -15.57
C GLN A 96 10.15 9.16 -14.47
N LYS A 97 10.21 9.66 -13.25
CA LYS A 97 9.72 8.94 -12.09
C LYS A 97 8.48 9.62 -11.54
N VAL A 98 7.54 8.80 -11.08
CA VAL A 98 6.31 9.24 -10.41
C VAL A 98 6.33 8.69 -9.00
N SER A 99 5.92 9.51 -8.04
CA SER A 99 5.98 9.12 -6.64
C SER A 99 4.60 9.17 -6.00
N TYR A 100 4.25 8.12 -5.26
CA TYR A 100 3.00 8.03 -4.53
C TYR A 100 3.25 8.13 -3.03
N PRO A 101 2.30 8.66 -2.28
CA PRO A 101 2.47 8.76 -0.83
C PRO A 101 2.32 7.40 -0.16
N LEU A 102 2.90 7.30 1.04
CA LEU A 102 2.85 6.08 1.82
C LEU A 102 2.29 6.39 3.20
N LEU A 103 1.92 5.33 3.91
CA LEU A 103 1.34 5.45 5.24
C LEU A 103 2.32 4.92 6.28
N LYS A 104 2.62 5.74 7.30
CA LYS A 104 3.44 5.28 8.41
C LYS A 104 2.53 4.79 9.54
N THR A 105 2.82 3.60 10.04
CA THR A 105 2.08 3.00 11.14
C THR A 105 3.06 2.79 12.27
N THR A 106 2.77 3.36 13.44
CA THR A 106 3.60 3.15 14.62
C THR A 106 2.79 2.38 15.65
N VAL A 107 3.36 1.29 16.14
CA VAL A 107 2.74 0.47 17.16
C VAL A 107 3.55 0.62 18.44
N LYS A 108 2.91 1.09 19.49
CA LYS A 108 3.53 1.23 20.80
C LYS A 108 3.08 0.08 21.69
N TYR A 109 4.04 -0.61 22.31
CA TYR A 109 3.75 -1.51 23.42
C TYR A 109 4.78 -1.30 24.51
N GLY A 110 4.29 -1.27 25.76
CA GLY A 110 5.17 -1.23 26.92
C GLY A 110 5.32 -2.61 27.55
N LYS A 114 8.17 0.34 24.05
CA LYS A 114 8.84 0.22 22.76
C LYS A 114 7.92 0.58 21.61
N GLU A 115 8.50 0.68 20.42
CA GLU A 115 7.74 1.02 19.23
C GLU A 115 8.24 0.22 18.05
N ALA A 116 7.30 -0.20 17.21
CA ALA A 116 7.61 -0.73 15.90
C ALA A 116 6.96 0.18 14.87
N THR A 117 7.66 0.44 13.77
CA THR A 117 7.11 1.25 12.70
C THR A 117 7.05 0.42 11.41
N TYR A 118 6.02 0.70 10.62
CA TYR A 118 5.77 0.00 9.38
C TYR A 118 5.38 1.01 8.31
N LEU A 119 5.66 0.66 7.06
CA LEU A 119 5.24 1.46 5.91
C LEU A 119 4.22 0.66 5.12
N ALA A 120 3.14 1.31 4.71
CA ALA A 120 2.11 0.67 3.91
C ALA A 120 1.94 1.37 2.57
N LEU A 121 1.81 0.57 1.51
CA LEU A 121 1.50 1.09 0.19
C LEU A 121 0.01 1.07 -0.10
N ASN A 122 -0.71 0.10 0.46
CA ASN A 122 -2.15 0.06 0.33
C ASN A 122 -2.82 0.59 1.60
N GLU A 123 -2.68 -0.14 2.70
CA GLU A 123 -3.39 0.28 3.90
C GLU A 123 -2.84 -0.47 5.10
N SER A 124 -3.21 0.01 6.28
CA SER A 124 -3.05 -0.71 7.52
C SER A 124 -4.41 -0.82 8.19
N THR A 125 -4.72 -2.00 8.73
CA THR A 125 -6.00 -2.19 9.41
C THR A 125 -5.78 -2.73 10.81
N VAL A 126 -6.77 -2.48 11.67
CA VAL A 126 -6.79 -2.98 13.04
C VAL A 126 -8.11 -3.69 13.27
N LYS A 127 -8.04 -4.94 13.75
CA LYS A 127 -9.19 -5.74 14.16
C LYS A 127 -8.87 -6.39 15.51
N SER A 128 -9.89 -7.02 16.14
CA SER A 128 -9.68 -7.67 17.42
C SER A 128 -9.48 -9.18 17.27
N SER A 129 -9.24 -9.84 18.40
CA SER A 129 -9.25 -11.30 18.48
C SER A 129 -10.69 -11.81 18.58
N GLY A 130 -11.46 -11.53 17.53
CA GLY A 130 -12.81 -12.05 17.42
C GLY A 130 -13.90 -11.17 18.00
N GLY A 131 -15.05 -11.11 17.33
CA GLY A 131 -16.14 -10.28 17.76
C GLY A 131 -15.83 -8.81 17.56
N PRO A 132 -16.63 -7.92 18.15
CA PRO A 132 -16.32 -6.50 18.08
C PRO A 132 -15.29 -6.11 19.13
N PHE A 133 -14.48 -5.11 18.78
CA PHE A 133 -13.53 -4.51 19.70
C PHE A 133 -13.87 -3.04 19.85
N VAL A 134 -13.18 -2.41 20.80
CA VAL A 134 -13.44 -1.04 21.17
C VAL A 134 -12.11 -0.31 21.15
N VAL A 135 -12.08 0.82 20.47
CA VAL A 135 -10.87 1.64 20.45
C VAL A 135 -11.29 3.10 20.53
N ASP A 136 -10.52 3.88 21.29
CA ASP A 136 -10.68 5.32 21.26
C ASP A 136 -9.87 5.89 20.10
N VAL A 137 -10.50 6.74 19.31
CA VAL A 137 -9.87 7.37 18.15
C VAL A 137 -9.50 8.78 18.55
N VAL A 138 -8.21 9.10 18.52
CA VAL A 138 -7.69 10.39 18.95
C VAL A 138 -7.01 11.05 17.76
N ILE A 139 -7.47 12.23 17.39
CA ILE A 139 -6.96 12.95 16.23
C ILE A 139 -6.20 14.16 16.73
N ASN A 140 -4.89 14.21 16.48
CA ASN A 140 -4.05 15.33 16.91
C ASN A 140 -4.28 15.62 18.39
N ASP A 141 -4.31 14.56 19.19
CA ASP A 141 -4.42 14.62 20.65
C ASP A 141 -5.81 15.01 21.15
N ILE A 142 -6.82 15.10 20.29
CA ILE A 142 -8.18 15.34 20.76
C ILE A 142 -9.02 14.10 20.53
N HIS A 143 -9.71 13.67 21.59
CA HIS A 143 -10.56 12.48 21.52
CA HIS A 143 -10.56 12.49 21.53
C HIS A 143 -11.73 12.74 20.59
N PHE A 144 -11.80 11.95 19.53
CA PHE A 144 -12.78 12.17 18.48
C PHE A 144 -13.97 11.23 18.58
N GLU A 145 -13.75 9.95 18.84
CA GLU A 145 -14.86 9.02 18.96
C GLU A 145 -14.37 7.77 19.67
N ARG A 146 -15.31 7.06 20.27
CA ARG A 146 -15.06 5.70 20.76
C ARG A 146 -15.70 4.75 19.77
N PHE A 147 -14.87 3.98 19.08
CA PHE A 147 -15.33 3.11 18.02
C PHE A 147 -15.56 1.71 18.56
N ARG A 148 -16.76 1.18 18.33
CA ARG A 148 -17.11 -0.21 18.62
CA ARG A 148 -17.04 -0.22 18.60
C ARG A 148 -17.52 -0.86 17.31
N GLY A 149 -16.88 -1.96 16.95
CA GLY A 149 -17.22 -2.60 15.68
C GLY A 149 -16.17 -3.61 15.28
N ASP A 150 -16.09 -3.88 13.97
CA ASP A 150 -15.20 -4.94 13.54
C ASP A 150 -13.77 -4.48 13.39
N GLY A 151 -13.54 -3.22 13.04
CA GLY A 151 -12.20 -2.76 12.80
C GLY A 151 -12.17 -1.43 12.09
N LEU A 152 -10.95 -0.97 11.82
CA LEU A 152 -10.69 0.29 11.15
C LEU A 152 -9.62 0.09 10.09
N CYS A 153 -9.72 0.86 9.01
CA CYS A 153 -8.81 0.77 7.88
C CYS A 153 -8.27 2.15 7.57
N MET A 154 -6.93 2.28 7.51
CA MET A 154 -6.30 3.54 7.13
C MET A 154 -5.54 3.33 5.84
N SER A 155 -5.92 4.05 4.80
CA SER A 155 -5.49 3.79 3.43
C SER A 155 -4.63 4.92 2.90
N THR A 156 -3.67 4.57 2.07
CA THR A 156 -2.96 5.54 1.25
C THR A 156 -3.84 5.96 0.07
N PRO A 157 -3.45 6.99 -0.67
CA PRO A 157 -4.21 7.31 -1.89
C PRO A 157 -4.27 6.16 -2.90
N SER A 158 -3.14 5.53 -3.21
CA SER A 158 -3.21 4.43 -4.15
C SER A 158 -3.90 3.21 -3.56
N GLY A 159 -3.94 3.09 -2.23
CA GLY A 159 -4.73 2.06 -1.60
C GLY A 159 -6.24 2.31 -1.61
N THR A 160 -6.68 3.50 -2.01
CA THR A 160 -8.11 3.76 -1.89
C THR A 160 -8.93 2.90 -2.83
N THR A 161 -8.32 2.38 -3.90
CA THR A 161 -9.04 1.48 -4.78
C THR A 161 -9.06 0.04 -4.29
N ALA A 162 -8.50 -0.23 -3.11
CA ALA A 162 -8.38 -1.59 -2.58
C ALA A 162 -9.37 -1.77 -1.44
N TYR A 163 -8.95 -2.24 -0.26
CA TYR A 163 -9.85 -2.49 0.86
C TYR A 163 -10.73 -1.28 1.14
N ASN A 164 -10.12 -0.10 1.13
CA ASN A 164 -10.83 1.16 1.35
C ASN A 164 -12.08 1.27 0.50
N LYS A 165 -11.98 0.89 -0.77
CA LYS A 165 -13.14 1.01 -1.65
C LYS A 165 -14.26 0.09 -1.20
N SER A 166 -13.92 -1.15 -0.81
CA SER A 166 -14.93 -2.10 -0.38
C SER A 166 -15.63 -1.65 0.89
N LEU A 167 -14.99 -0.81 1.68
CA LEU A 167 -15.55 -0.28 2.91
C LEU A 167 -16.29 1.03 2.72
N GLY A 168 -16.47 1.47 1.48
CA GLY A 168 -17.20 2.70 1.21
C GLY A 168 -16.35 3.95 1.15
N GLY A 169 -15.03 3.81 1.15
CA GLY A 169 -14.16 4.97 1.09
C GLY A 169 -14.18 5.64 -0.27
N ALA A 170 -13.74 6.88 -0.29
CA ALA A 170 -13.56 7.63 -1.53
C ALA A 170 -12.30 7.17 -2.26
N LEU A 171 -12.34 7.25 -3.58
CA LEU A 171 -11.14 7.04 -4.38
C LEU A 171 -10.41 8.38 -4.52
N MET A 172 -9.15 8.42 -4.12
CA MET A 172 -8.38 9.65 -4.06
CA MET A 172 -8.38 9.65 -4.05
C MET A 172 -7.22 9.58 -5.03
N HIS A 173 -7.06 10.62 -5.83
CA HIS A 173 -5.93 10.69 -6.77
C HIS A 173 -4.62 10.67 -5.99
N PRO A 174 -3.64 9.88 -6.40
CA PRO A 174 -2.43 9.69 -5.58
C PRO A 174 -1.50 10.90 -5.56
N SER A 175 -1.79 11.97 -6.28
CA SER A 175 -1.01 13.19 -6.08
C SER A 175 -1.37 13.89 -4.78
N ILE A 176 -2.45 13.47 -4.12
CA ILE A 176 -2.91 14.09 -2.88
C ILE A 176 -2.19 13.43 -1.72
N GLU A 177 -1.50 14.23 -0.91
CA GLU A 177 -0.71 13.67 0.19
C GLU A 177 -1.63 13.55 1.39
N ALA A 178 -2.21 12.37 1.56
CA ALA A 178 -3.28 12.18 2.54
C ALA A 178 -3.40 10.69 2.88
N MET A 179 -4.16 10.42 3.93
CA MET A 179 -4.57 9.08 4.30
C MET A 179 -6.06 9.11 4.61
N GLN A 180 -6.74 7.97 4.46
CA GLN A 180 -8.19 7.91 4.60
C GLN A 180 -8.57 6.80 5.56
N LEU A 181 -9.33 7.15 6.60
CA LEU A 181 -9.78 6.20 7.62
C LEU A 181 -11.22 5.77 7.33
N THR A 182 -11.44 4.46 7.19
CA THR A 182 -12.79 3.93 7.02
C THR A 182 -13.13 2.95 8.14
N GLU A 183 -14.43 2.85 8.41
CA GLU A 183 -14.96 1.96 9.44
C GLU A 183 -15.32 0.61 8.87
N MET A 184 -15.16 -0.44 9.69
CA MET A 184 -15.71 -1.76 9.41
C MET A 184 -16.82 -2.06 10.39
N ALA A 185 -18.06 -2.04 9.92
CA ALA A 185 -19.27 -2.39 10.68
C ALA A 185 -19.25 -1.78 12.07
N SER A 186 -19.43 -0.48 12.15
CA SER A 186 -19.50 0.18 13.45
C SER A 186 -20.88 -0.01 14.06
N ILE A 187 -20.92 -0.11 15.39
CA ILE A 187 -22.19 -0.13 16.10
C ILE A 187 -22.63 1.30 16.32
N ASN A 188 -23.87 1.60 15.95
CA ASN A 188 -24.46 2.91 16.24
C ASN A 188 -25.85 2.72 16.81
N ASN A 189 -26.03 3.17 18.05
CA ASN A 189 -27.34 3.17 18.68
C ASN A 189 -27.38 4.36 19.63
N ARG A 190 -28.40 4.41 20.48
CA ARG A 190 -28.52 5.51 21.43
C ARG A 190 -27.28 5.65 22.30
N VAL A 191 -26.56 4.56 22.54
CA VAL A 191 -25.43 4.55 23.45
C VAL A 191 -24.09 4.68 22.73
N TYR A 192 -23.94 4.08 21.56
CA TYR A 192 -22.66 4.05 20.87
C TYR A 192 -22.75 4.89 19.60
N ARG A 193 -21.72 5.70 19.34
CA ARG A 193 -21.78 6.71 18.27
C ARG A 193 -20.44 6.84 17.56
N THR A 194 -20.43 6.66 16.24
CA THR A 194 -19.25 6.97 15.45
C THR A 194 -19.63 7.92 14.33
N ILE A 195 -18.61 8.42 13.62
CA ILE A 195 -18.88 9.40 12.57
C ILE A 195 -19.52 8.72 11.36
N GLY A 196 -19.18 7.46 11.09
CA GLY A 196 -19.74 6.73 9.97
C GLY A 196 -18.97 6.98 8.70
N SER A 197 -18.86 8.26 8.36
CA SER A 197 -18.23 8.67 7.11
C SER A 197 -16.74 8.36 7.10
N PRO A 198 -16.18 8.02 5.94
CA PRO A 198 -14.72 8.02 5.82
C PRO A 198 -14.15 9.39 6.15
N LEU A 199 -12.95 9.40 6.72
CA LEU A 199 -12.23 10.61 7.09
C LEU A 199 -10.93 10.69 6.30
N VAL A 200 -10.65 11.85 5.71
CA VAL A 200 -9.44 12.07 4.92
C VAL A 200 -8.59 13.11 5.64
N PHE A 201 -7.35 12.72 5.98
CA PHE A 201 -6.39 13.49 6.76
C PHE A 201 -5.24 13.96 5.90
N PRO A 202 -4.81 15.20 6.06
CA PRO A 202 -3.62 15.68 5.36
C PRO A 202 -2.35 15.20 6.06
N LYS A 203 -1.23 15.50 5.42
CA LYS A 203 0.07 15.31 6.03
C LYS A 203 0.13 16.03 7.37
N HIS A 204 0.88 15.46 8.30
CA HIS A 204 1.19 15.99 9.63
C HIS A 204 0.06 15.78 10.63
N HIS A 205 -1.13 15.38 10.21
CA HIS A 205 -2.14 14.93 11.17
C HIS A 205 -1.80 13.52 11.64
N VAL A 206 -2.01 13.28 12.92
CA VAL A 206 -1.74 11.99 13.55
C VAL A 206 -3.05 11.46 14.10
N VAL A 207 -3.39 10.23 13.71
CA VAL A 207 -4.57 9.55 14.20
C VAL A 207 -4.07 8.42 15.08
N SER A 208 -4.49 8.42 16.33
CA SER A 208 -4.05 7.48 17.34
C SER A 208 -5.22 6.58 17.71
N LEU A 209 -5.02 5.27 17.66
CA LEU A 209 -6.01 4.30 18.12
C LEU A 209 -5.56 3.74 19.46
N GLN A 210 -6.42 3.83 20.48
CA GLN A 210 -6.03 3.47 21.84
C GLN A 210 -7.01 2.51 22.49
N PRO A 211 -6.50 1.50 23.20
CA PRO A 211 -7.39 0.45 23.72
C PRO A 211 -8.28 0.98 24.83
N VAL A 212 -9.41 0.32 24.99
CA VAL A 212 -10.37 0.62 26.03
C VAL A 212 -10.43 -0.50 27.08
N ASN A 213 -10.54 -1.75 26.62
CA ASN A 213 -10.47 -2.90 27.50
C ASN A 213 -9.40 -3.87 27.02
N ASP A 214 -9.74 -4.72 26.05
CA ASP A 214 -8.77 -5.65 25.48
C ASP A 214 -7.60 -4.88 24.87
N LYS A 215 -6.39 -5.40 25.06
CA LYS A 215 -5.17 -4.77 24.57
C LYS A 215 -4.52 -5.57 23.44
N ASP A 216 -5.12 -6.66 22.99
CA ASP A 216 -4.59 -7.48 21.91
C ASP A 216 -5.38 -7.20 20.63
N PHE A 217 -4.67 -6.99 19.53
CA PHE A 217 -5.31 -6.65 18.26
C PHE A 217 -4.63 -7.40 17.14
N GLN A 218 -5.35 -7.60 16.05
CA GLN A 218 -4.74 -8.03 14.81
C GLN A 218 -4.47 -6.78 13.98
N ILE A 219 -3.20 -6.55 13.66
CA ILE A 219 -2.81 -5.38 12.86
C ILE A 219 -2.27 -5.87 11.53
N SER A 220 -2.79 -5.33 10.46
CA SER A 220 -2.30 -5.64 9.12
C SER A 220 -1.59 -4.42 8.54
N VAL A 221 -0.57 -4.68 7.73
CA VAL A 221 0.08 -3.67 6.93
C VAL A 221 0.19 -4.29 5.55
N ASP A 222 -0.63 -3.83 4.61
CA ASP A 222 -0.71 -4.45 3.27
C ASP A 222 -1.07 -5.93 3.49
N HIS A 223 -0.36 -6.89 2.90
CA HIS A 223 -0.87 -8.24 3.15
C HIS A 223 -0.48 -8.81 4.51
N LEU A 224 0.43 -8.19 5.26
CA LEU A 224 1.06 -8.83 6.39
C LEU A 224 0.26 -8.53 7.66
N SER A 225 -0.29 -9.59 8.26
CA SER A 225 -1.18 -9.48 9.41
C SER A 225 -0.59 -10.26 10.58
N ILE A 226 -0.44 -9.58 11.72
CA ILE A 226 0.23 -10.17 12.87
C ILE A 226 -0.56 -9.82 14.13
N LEU A 227 -0.69 -10.79 15.03
CA LEU A 227 -1.33 -10.55 16.31
C LEU A 227 -0.40 -9.74 17.20
N HIS A 228 -0.90 -8.61 17.69
CA HIS A 228 -0.13 -7.70 18.52
C HIS A 228 -0.66 -7.76 19.94
N ARG A 229 0.22 -8.09 20.89
CA ARG A 229 -0.16 -8.23 22.28
C ARG A 229 0.42 -7.09 23.11
N ASP A 230 -0.34 -6.67 24.13
CA ASP A 230 0.03 -5.60 25.02
C ASP A 230 0.23 -4.28 24.27
N VAL A 231 -0.65 -4.02 23.31
CA VAL A 231 -0.59 -2.79 22.54
C VAL A 231 -1.13 -1.65 23.36
N GLN A 232 -0.42 -0.53 23.37
CA GLN A 232 -0.91 0.68 24.00
C GLN A 232 -1.45 1.69 23.01
N GLU A 233 -1.02 1.64 21.74
CA GLU A 233 -1.39 2.68 20.80
C GLU A 233 -0.97 2.28 19.39
N ILE A 234 -1.81 2.63 18.41
CA ILE A 234 -1.48 2.53 17.00
C ILE A 234 -1.61 3.93 16.42
N ARG A 235 -0.51 4.47 15.89
CA ARG A 235 -0.48 5.83 15.38
CA ARG A 235 -0.47 5.83 15.38
C ARG A 235 -0.32 5.81 13.87
N TYR A 236 -1.14 6.58 13.18
CA TYR A 236 -1.14 6.69 11.74
C TYR A 236 -0.79 8.12 11.30
N GLU A 237 0.09 8.24 10.32
CA GLU A 237 0.37 9.53 9.71
C GLU A 237 0.90 9.29 8.31
N VAL A 238 0.71 10.27 7.44
CA VAL A 238 1.30 10.19 6.10
C VAL A 238 2.82 10.17 6.24
N SER A 239 3.45 9.19 5.60
CA SER A 239 4.89 9.05 5.69
C SER A 239 5.61 10.18 4.97
N ALA A 240 6.82 10.48 5.43
CA ALA A 240 7.71 11.35 4.68
C ALA A 240 8.34 10.62 3.51
N LYS A 241 8.31 9.29 3.52
CA LYS A 241 8.83 8.48 2.43
C LYS A 241 7.78 8.28 1.34
N LYS A 242 8.25 8.10 0.10
CA LYS A 242 7.37 7.86 -1.03
C LYS A 242 7.89 6.68 -1.83
N ILE A 243 6.98 6.02 -2.53
CA ILE A 243 7.36 4.99 -3.50
C ILE A 243 7.53 5.66 -4.86
N HIS A 244 8.55 5.24 -5.59
CA HIS A 244 8.84 5.81 -6.90
C HIS A 244 8.58 4.76 -7.98
N PHE A 245 7.85 5.17 -9.01
CA PHE A 245 7.58 4.34 -10.17
C PHE A 245 8.36 4.85 -11.36
N ALA A 246 8.91 3.93 -12.15
CA ALA A 246 9.38 4.32 -13.47
C ALA A 246 8.18 4.34 -14.42
N ARG A 247 7.99 5.45 -15.10
CA ARG A 247 6.90 5.57 -16.06
C ARG A 247 7.48 5.85 -17.45
N PHE A 248 6.95 5.17 -18.44
CA PHE A 248 7.41 5.31 -19.82
C PHE A 248 6.35 5.83 -20.75
N ARG A 249 5.10 5.90 -20.32
CA ARG A 249 4.01 6.41 -21.13
C ARG A 249 2.95 6.91 -20.16
N SER A 250 1.99 7.65 -20.71
CA SER A 250 0.88 8.14 -19.90
C SER A 250 -0.12 7.02 -19.67
N PHE A 251 -0.39 6.71 -18.41
CA PHE A 251 -1.48 5.83 -18.02
C PHE A 251 -2.10 6.48 -16.80
N PRO A 252 -2.98 7.46 -17.01
CA PRO A 252 -3.51 8.23 -15.88
C PRO A 252 -4.23 7.37 -14.86
N PHE A 253 -4.11 7.78 -13.60
CA PHE A 253 -4.80 7.10 -12.51
C PHE A 253 -6.28 6.94 -12.82
N TRP A 254 -6.94 8.00 -13.30
CA TRP A 254 -8.36 7.89 -13.52
C TRP A 254 -8.68 6.94 -14.68
N ARG A 255 -7.76 6.81 -15.64
CA ARG A 255 -7.95 5.79 -16.67
C ARG A 255 -7.75 4.39 -16.10
N ARG A 256 -6.77 4.24 -15.20
CA ARG A 256 -6.59 2.96 -14.52
C ARG A 256 -7.82 2.58 -13.71
N VAL A 257 -8.43 3.56 -13.04
CA VAL A 257 -9.67 3.31 -12.32
C VAL A 257 -10.77 2.89 -13.29
N HIS A 258 -10.91 3.63 -14.40
CA HIS A 258 -11.92 3.29 -15.41
C HIS A 258 -11.71 1.87 -15.90
N ASP A 259 -10.47 1.53 -16.23
CA ASP A 259 -10.19 0.24 -16.85
C ASP A 259 -10.41 -0.92 -15.87
N SER A 260 -10.20 -0.67 -14.57
CA SER A 260 -10.33 -1.74 -13.60
C SER A 260 -11.75 -1.93 -13.09
N PHE A 261 -12.56 -0.86 -13.03
CA PHE A 261 -13.87 -0.94 -12.43
C PHE A 261 -15.02 -0.66 -13.37
N ILE A 262 -14.80 0.01 -14.50
CA ILE A 262 -15.89 0.43 -15.37
C ILE A 262 -15.97 -0.47 -16.60
N GLU A 263 -14.87 -0.58 -17.32
CA GLU A 263 -14.79 -1.38 -18.55
C GLU A 263 -13.37 -1.35 -19.10
N ASP A 264 -12.97 -2.39 -19.80
CA ASP A 264 -11.63 -2.42 -20.41
C ASP A 264 -11.66 -3.23 -21.70
#